data_3BOP
#
_entry.id   3BOP
#
_cell.length_a   95.485
_cell.length_b   96.983
_cell.length_c   62.584
_cell.angle_alpha   90.000
_cell.angle_beta   105.980
_cell.angle_gamma   90.000
#
_symmetry.space_group_name_H-M   'C 1 2 1'
#
loop_
_entity.id
_entity.type
_entity.pdbx_description
1 polymer 'beta-Neurexin 2D4'
2 water water
#
_entity_poly.entity_id   1
_entity_poly.type   'polypeptide(L)'
_entity_poly.pdbx_seq_one_letter_code
;ATTYIFGKGGALITYTWPPNDRPSTRMDRLAVGFSTHQRSAVLVRVDSASGLGDYLQLHIDQGTVGVIFNVGTDDITIDE
PNAIVSDGKYHVVRFTRSGGNATLQVDSWPVNERYPAGRQLTIFNSQAAIKIGGRDQGRPFQGQVSGLYYNGLKVLALAA
ESDPNVRTEGHLRLV
;
_entity_poly.pdbx_strand_id   A,B,C
#
# COMPACT_ATOMS: atom_id res chain seq x y z
N ALA A 1 14.10 2.31 -24.84
CA ALA A 1 15.47 1.70 -24.95
C ALA A 1 16.56 2.75 -24.73
N THR A 2 16.23 3.75 -23.91
CA THR A 2 17.14 4.82 -23.49
C THR A 2 17.23 4.73 -21.95
N THR A 3 18.43 4.92 -21.40
CA THR A 3 18.65 4.71 -19.97
C THR A 3 19.15 5.96 -19.25
N TYR A 4 18.50 6.30 -18.15
CA TYR A 4 18.94 7.39 -17.29
C TYR A 4 19.45 6.85 -15.97
N ILE A 5 20.53 7.44 -15.47
CA ILE A 5 21.05 7.07 -14.15
C ILE A 5 20.77 8.16 -13.13
N PHE A 6 20.13 7.75 -12.03
CA PHE A 6 19.71 8.63 -10.97
C PHE A 6 20.74 8.55 -9.86
N GLY A 7 21.46 9.65 -9.62
CA GLY A 7 22.59 9.66 -8.70
C GLY A 7 22.24 9.92 -7.25
N LYS A 8 23.28 10.22 -6.46
CA LYS A 8 23.13 10.52 -5.04
C LYS A 8 22.34 11.81 -4.88
N GLY A 9 21.28 11.75 -4.09
CA GLY A 9 20.34 12.86 -3.94
C GLY A 9 18.99 12.55 -4.56
N GLY A 10 18.99 11.65 -5.55
CA GLY A 10 17.76 11.25 -6.24
C GLY A 10 17.38 12.25 -7.32
N ALA A 11 17.04 11.72 -8.50
CA ALA A 11 16.67 12.56 -9.65
C ALA A 11 15.16 12.50 -9.92
N LEU A 12 14.71 13.30 -10.89
CA LEU A 12 13.28 13.41 -11.19
C LEU A 12 13.04 13.79 -12.66
N ILE A 13 12.19 13.00 -13.33
CA ILE A 13 11.80 13.27 -14.71
C ILE A 13 10.28 13.40 -14.81
N THR A 14 9.80 14.63 -14.95
CA THR A 14 8.37 14.91 -14.97
C THR A 14 7.86 15.16 -16.37
N TYR A 15 6.93 14.34 -16.84
CA TYR A 15 6.17 14.65 -18.05
C TYR A 15 4.86 15.30 -17.63
N THR A 16 4.59 16.48 -18.17
CA THR A 16 3.38 17.21 -17.83
C THR A 16 2.52 17.48 -19.07
N TRP A 17 1.35 16.83 -19.10
CA TRP A 17 0.35 17.10 -20.13
C TRP A 17 -0.10 18.56 -20.02
N PRO A 18 -0.20 19.26 -21.18
CA PRO A 18 -0.73 20.62 -21.13
C PRO A 18 -2.11 20.59 -20.48
N PRO A 19 -2.47 21.65 -19.72
CA PRO A 19 -3.77 21.71 -19.05
C PRO A 19 -4.97 21.58 -20.00
N ASN A 20 -4.72 21.30 -21.27
CA ASN A 20 -5.77 21.15 -22.29
C ASN A 20 -5.84 19.76 -22.95
N ASP A 21 -4.90 18.88 -22.62
CA ASP A 21 -4.86 17.54 -23.19
C ASP A 21 -4.79 16.43 -22.13
N ARG A 22 -5.39 16.70 -20.98
CA ARG A 22 -5.37 15.78 -19.84
C ARG A 22 -6.21 14.55 -20.10
N PRO A 23 -5.55 13.42 -20.41
CA PRO A 23 -6.21 12.21 -20.90
C PRO A 23 -7.00 11.47 -19.82
N SER A 24 -8.32 11.43 -19.99
CA SER A 24 -9.17 10.63 -19.11
C SER A 24 -9.36 9.26 -19.75
N THR A 25 -8.60 8.28 -19.27
CA THR A 25 -8.47 6.99 -19.96
C THR A 25 -9.30 5.87 -19.35
N ARG A 26 -9.76 4.98 -20.22
CA ARG A 26 -10.42 3.75 -19.80
C ARG A 26 -9.40 2.67 -19.45
N MET A 27 -8.19 2.77 -20.02
CA MET A 27 -7.14 1.77 -19.81
C MET A 27 -5.73 2.36 -19.82
N ASP A 28 -4.89 1.88 -18.91
CA ASP A 28 -3.51 2.36 -18.77
C ASP A 28 -2.48 1.24 -18.93
N ARG A 29 -1.37 1.55 -19.58
CA ARG A 29 -0.23 0.65 -19.56
C ARG A 29 1.04 1.39 -19.12
N LEU A 30 1.68 0.86 -18.08
CA LEU A 30 3.03 1.25 -17.72
C LEU A 30 3.92 0.05 -17.85
N ALA A 31 5.07 0.25 -18.51
CA ALA A 31 6.12 -0.77 -18.60
C ALA A 31 7.50 -0.11 -18.45
N VAL A 32 8.18 -0.41 -17.35
CA VAL A 32 9.49 0.18 -17.06
C VAL A 32 10.57 -0.89 -17.02
N GLY A 33 11.79 -0.50 -17.40
CA GLY A 33 12.97 -1.31 -17.14
C GLY A 33 13.80 -0.55 -16.13
N PHE A 34 14.53 -1.27 -15.28
CA PHE A 34 15.35 -0.65 -14.24
C PHE A 34 16.29 -1.61 -13.52
N SER A 35 17.18 -1.04 -12.72
CA SER A 35 17.98 -1.78 -11.75
C SER A 35 18.28 -0.89 -10.57
N THR A 36 18.37 -1.48 -9.38
CA THR A 36 18.71 -0.75 -8.16
C THR A 36 19.15 -1.69 -7.02
N HIS A 37 19.87 -1.13 -6.06
CA HIS A 37 20.37 -1.89 -4.92
C HIS A 37 19.52 -1.70 -3.65
N GLN A 38 18.76 -0.60 -3.58
CA GLN A 38 17.94 -0.32 -2.40
C GLN A 38 16.62 -1.11 -2.43
N ARG A 39 16.10 -1.42 -1.23
CA ARG A 39 14.91 -2.27 -1.09
C ARG A 39 13.63 -1.46 -0.89
N SER A 40 13.78 -0.14 -0.77
CA SER A 40 12.65 0.78 -0.59
C SER A 40 12.84 2.03 -1.45
N ALA A 41 12.00 2.16 -2.48
CA ALA A 41 12.05 3.30 -3.38
C ALA A 41 10.74 3.46 -4.13
N VAL A 42 10.56 4.62 -4.75
CA VAL A 42 9.39 4.89 -5.58
C VAL A 42 9.95 5.10 -6.99
N LEU A 43 9.30 4.49 -7.98
CA LEU A 43 9.73 4.56 -9.37
C LEU A 43 8.82 5.56 -10.10
N VAL A 44 7.68 5.05 -10.59
CA VAL A 44 6.75 5.87 -11.36
C VAL A 44 5.59 6.36 -10.51
N ARG A 45 5.35 7.67 -10.56
CA ARG A 45 4.16 8.28 -9.97
C ARG A 45 3.38 9.04 -11.05
N VAL A 46 2.08 8.78 -11.12
CA VAL A 46 1.22 9.46 -12.07
C VAL A 46 0.17 10.25 -11.30
N ASP A 47 0.15 11.55 -11.52
CA ASP A 47 -0.76 12.45 -10.78
C ASP A 47 -2.07 12.66 -11.51
N SER A 48 -3.10 12.94 -10.70
CA SER A 48 -4.43 13.25 -11.19
C SER A 48 -4.68 14.73 -11.04
N ALA A 49 -5.80 15.21 -11.60
CA ALA A 49 -6.21 16.62 -11.49
C ALA A 49 -5.90 17.05 -10.04
N SER A 50 -5.55 18.33 -9.90
CA SER A 50 -5.06 18.92 -8.64
C SER A 50 -5.91 18.52 -7.42
N GLY A 51 -5.28 17.85 -6.46
CA GLY A 51 -5.90 17.52 -5.17
C GLY A 51 -6.70 16.23 -5.09
N LEU A 52 -6.57 15.35 -6.08
CA LEU A 52 -7.32 14.10 -6.09
C LEU A 52 -6.51 12.90 -5.56
N GLY A 53 -5.25 13.14 -5.23
CA GLY A 53 -4.33 12.08 -4.83
C GLY A 53 -3.54 11.55 -6.02
N ASP A 54 -2.90 10.40 -5.85
CA ASP A 54 -2.14 9.76 -6.92
C ASP A 54 -3.02 8.85 -7.77
N TYR A 55 -2.86 8.95 -9.09
CA TYR A 55 -3.57 8.10 -10.04
C TYR A 55 -2.91 6.73 -10.19
N LEU A 56 -1.58 6.73 -10.32
CA LEU A 56 -0.82 5.48 -10.37
C LEU A 56 0.47 5.61 -9.58
N GLN A 57 0.72 4.61 -8.76
CA GLN A 57 1.93 4.51 -7.97
C GLN A 57 2.63 3.20 -8.35
N LEU A 58 3.94 3.27 -8.55
CA LEU A 58 4.75 2.06 -8.69
C LEU A 58 5.93 2.19 -7.76
N HIS A 59 5.98 1.32 -6.76
CA HIS A 59 7.01 1.39 -5.73
C HIS A 59 7.69 0.06 -5.51
N ILE A 60 8.98 0.10 -5.17
CA ILE A 60 9.67 -1.06 -4.65
C ILE A 60 9.58 -1.01 -3.13
N ASP A 61 8.91 -2.01 -2.57
CA ASP A 61 8.85 -2.18 -1.12
C ASP A 61 9.28 -3.59 -0.75
N GLN A 62 10.08 -3.70 0.31
CA GLN A 62 10.57 -4.98 0.81
C GLN A 62 11.35 -5.75 -0.25
N GLY A 63 11.80 -5.04 -1.28
CA GLY A 63 12.54 -5.64 -2.38
C GLY A 63 11.69 -6.14 -3.52
N THR A 64 10.36 -6.08 -3.36
CA THR A 64 9.42 -6.49 -4.39
C THR A 64 8.62 -5.31 -4.89
N VAL A 65 7.99 -5.48 -6.06
CA VAL A 65 7.25 -4.41 -6.72
C VAL A 65 5.77 -4.48 -6.38
N GLY A 66 5.08 -3.35 -6.50
CA GLY A 66 3.66 -3.26 -6.18
C GLY A 66 3.07 -1.97 -6.71
N VAL A 67 1.85 -2.05 -7.23
CA VAL A 67 1.21 -0.87 -7.81
C VAL A 67 -0.07 -0.51 -7.09
N ILE A 68 -0.25 0.79 -6.88
CA ILE A 68 -1.49 1.35 -6.37
C ILE A 68 -2.09 2.26 -7.43
N PHE A 69 -3.40 2.11 -7.64
CA PHE A 69 -4.16 2.89 -8.60
C PHE A 69 -5.57 3.01 -8.06
N ASN A 70 -6.26 4.11 -8.33
CA ASN A 70 -7.61 4.31 -7.77
C ASN A 70 -8.79 4.15 -8.75
N VAL A 71 -9.83 3.50 -8.27
CA VAL A 71 -11.09 3.42 -9.00
C VAL A 71 -12.09 4.38 -8.37
N GLY A 72 -11.88 5.67 -8.61
CA GLY A 72 -12.67 6.73 -7.99
C GLY A 72 -12.20 6.99 -6.58
N THR A 73 -12.95 6.52 -5.59
CA THR A 73 -12.63 6.71 -4.19
C THR A 73 -11.54 5.74 -3.73
N ASP A 74 -11.82 4.45 -3.84
CA ASP A 74 -10.92 3.40 -3.36
C ASP A 74 -9.65 3.27 -4.22
N ASP A 75 -8.53 2.96 -3.56
CA ASP A 75 -7.26 2.71 -4.23
C ASP A 75 -6.91 1.22 -4.16
N ILE A 76 -6.66 0.62 -5.33
CA ILE A 76 -6.46 -0.81 -5.46
C ILE A 76 -4.98 -1.13 -5.55
N THR A 77 -4.54 -2.11 -4.76
CA THR A 77 -3.14 -2.53 -4.71
C THR A 77 -2.93 -3.89 -5.41
N ILE A 78 -1.82 -4.02 -6.14
CA ILE A 78 -1.41 -5.32 -6.69
C ILE A 78 0.05 -5.62 -6.37
N ASP A 79 0.27 -6.63 -5.54
CA ASP A 79 1.61 -7.01 -5.11
C ASP A 79 2.15 -8.19 -5.92
N GLU A 80 3.42 -8.08 -6.31
CA GLU A 80 4.17 -9.22 -6.83
C GLU A 80 5.29 -9.56 -5.84
N PRO A 81 4.96 -10.36 -4.81
CA PRO A 81 5.85 -10.56 -3.67
C PRO A 81 6.79 -11.76 -3.83
N ASN A 82 6.92 -12.25 -5.05
CA ASN A 82 7.75 -13.42 -5.33
C ASN A 82 9.04 -13.08 -6.07
N ALA A 83 8.99 -12.01 -6.88
CA ALA A 83 10.15 -11.56 -7.63
C ALA A 83 11.00 -10.58 -6.81
N ILE A 84 12.24 -10.99 -6.51
CA ILE A 84 13.19 -10.13 -5.82
C ILE A 84 13.83 -9.22 -6.87
N VAL A 85 13.98 -7.94 -6.53
CA VAL A 85 14.32 -6.91 -7.52
C VAL A 85 15.45 -5.96 -7.11
N SER A 86 15.84 -5.99 -5.84
CA SER A 86 16.86 -5.08 -5.29
C SER A 86 18.29 -5.63 -5.37
N ASP A 87 18.54 -6.47 -6.37
CA ASP A 87 19.84 -7.11 -6.57
C ASP A 87 20.83 -6.22 -7.33
N GLY A 88 20.31 -5.27 -8.10
CA GLY A 88 21.14 -4.40 -8.92
C GLY A 88 21.12 -4.81 -10.38
N LYS A 89 20.51 -5.97 -10.64
CA LYS A 89 20.37 -6.51 -12.00
C LYS A 89 19.17 -5.87 -12.70
N TYR A 90 19.03 -6.18 -13.98
CA TYR A 90 17.95 -5.65 -14.83
C TYR A 90 16.60 -6.31 -14.52
N HIS A 91 15.54 -5.48 -14.47
CA HIS A 91 14.17 -5.95 -14.23
C HIS A 91 13.13 -5.15 -15.01
N VAL A 92 12.16 -5.86 -15.60
CA VAL A 92 11.13 -5.24 -16.42
C VAL A 92 9.76 -5.42 -15.76
N VAL A 93 9.09 -4.31 -15.47
CA VAL A 93 7.77 -4.33 -14.85
C VAL A 93 6.70 -3.80 -15.82
N ARG A 94 5.57 -4.50 -15.86
CA ARG A 94 4.49 -4.22 -16.81
C ARG A 94 3.12 -4.23 -16.12
N PHE A 95 2.65 -3.02 -15.78
CA PHE A 95 1.31 -2.83 -15.26
C PHE A 95 0.33 -2.59 -16.40
N THR A 96 -0.81 -3.28 -16.36
CA THR A 96 -1.84 -3.15 -17.39
C THR A 96 -3.21 -3.00 -16.76
N ARG A 97 -3.76 -1.79 -16.81
CA ARG A 97 -5.11 -1.56 -16.32
C ARG A 97 -6.12 -1.64 -17.46
N SER A 98 -7.29 -2.17 -17.14
CA SER A 98 -8.41 -2.21 -18.08
C SER A 98 -9.69 -2.12 -17.28
N GLY A 99 -10.23 -0.91 -17.17
CA GLY A 99 -11.37 -0.63 -16.29
C GLY A 99 -10.99 -0.89 -14.84
N GLY A 100 -11.76 -1.75 -14.17
CA GLY A 100 -11.45 -2.15 -12.80
C GLY A 100 -10.49 -3.32 -12.76
N ASN A 101 -10.53 -4.14 -13.82
CA ASN A 101 -9.59 -5.24 -14.03
C ASN A 101 -8.17 -4.71 -14.22
N ALA A 102 -7.17 -5.51 -13.81
CA ALA A 102 -5.75 -5.13 -13.96
C ALA A 102 -4.77 -6.30 -13.85
N THR A 103 -3.62 -6.15 -14.50
CA THR A 103 -2.58 -7.17 -14.59
C THR A 103 -1.23 -6.57 -14.22
N LEU A 104 -0.43 -7.33 -13.46
CA LEU A 104 0.92 -6.90 -13.11
C LEU A 104 1.96 -7.97 -13.41
N GLN A 105 2.86 -7.64 -14.33
CA GLN A 105 3.93 -8.53 -14.73
C GLN A 105 5.28 -7.98 -14.24
N VAL A 106 6.00 -8.78 -13.46
CA VAL A 106 7.36 -8.43 -13.06
C VAL A 106 8.30 -9.52 -13.56
N ASP A 107 9.20 -9.12 -14.46
CA ASP A 107 10.03 -10.06 -15.21
C ASP A 107 9.02 -11.11 -15.67
N SER A 108 9.26 -12.36 -15.30
CA SER A 108 8.44 -13.50 -15.71
C SER A 108 7.25 -13.89 -14.83
N TRP A 109 6.99 -13.10 -13.79
CA TRP A 109 5.89 -13.35 -12.86
C TRP A 109 4.70 -12.43 -13.17
N PRO A 110 3.58 -12.99 -13.68
CA PRO A 110 2.36 -12.20 -13.84
C PRO A 110 1.36 -12.33 -12.67
N VAL A 111 0.69 -11.23 -12.35
CA VAL A 111 -0.42 -11.22 -11.38
C VAL A 111 -1.67 -10.66 -12.06
N ASN A 112 -2.82 -11.30 -11.84
CA ASN A 112 -4.09 -10.81 -12.36
C ASN A 112 -5.06 -10.42 -11.25
N GLU A 113 -5.36 -9.12 -11.18
CA GLU A 113 -6.34 -8.58 -10.25
C GLU A 113 -7.65 -8.38 -10.99
N ARG A 114 -8.73 -9.00 -10.51
CA ARG A 114 -10.04 -8.86 -11.16
C ARG A 114 -11.08 -8.23 -10.24
N TYR A 115 -11.78 -7.22 -10.79
CA TYR A 115 -12.72 -6.38 -10.04
C TYR A 115 -14.00 -7.12 -9.60
N PRO A 116 -14.44 -6.89 -8.34
CA PRO A 116 -15.67 -7.38 -7.69
C PRO A 116 -17.04 -7.60 -8.34
N ALA A 117 -17.62 -6.55 -8.94
CA ALA A 117 -18.95 -6.61 -9.55
C ALA A 117 -19.39 -5.23 -10.03
N ASN A 125 -11.41 10.00 -14.36
CA ASN A 125 -10.30 10.65 -13.68
C ASN A 125 -9.20 11.06 -14.66
N SER A 126 -9.02 12.37 -14.81
CA SER A 126 -8.06 12.94 -15.76
C SER A 126 -6.63 13.01 -15.20
N GLN A 127 -5.67 12.53 -15.97
CA GLN A 127 -4.25 12.49 -15.57
C GLN A 127 -3.54 13.81 -15.85
N ALA A 128 -2.56 14.14 -15.01
CA ALA A 128 -1.92 15.47 -15.04
C ALA A 128 -0.43 15.44 -15.31
N ALA A 129 0.28 14.47 -14.72
CA ALA A 129 1.73 14.36 -14.88
C ALA A 129 2.26 12.96 -14.54
N ILE A 130 3.42 12.63 -15.10
CA ILE A 130 4.12 11.40 -14.76
C ILE A 130 5.51 11.74 -14.24
N LYS A 131 5.83 11.28 -13.03
CA LYS A 131 7.13 11.51 -12.43
C LYS A 131 7.92 10.22 -12.32
N ILE A 132 9.21 10.28 -12.66
CA ILE A 132 10.08 9.10 -12.57
C ILE A 132 11.19 9.33 -11.53
N GLY A 133 11.21 8.47 -10.52
CA GLY A 133 12.02 8.70 -9.34
C GLY A 133 11.29 9.62 -8.38
N GLY A 134 12.06 10.31 -7.56
CA GLY A 134 11.54 11.22 -6.55
C GLY A 134 12.70 11.72 -5.71
N ARG A 135 12.81 13.04 -5.57
CA ARG A 135 13.95 13.63 -4.89
C ARG A 135 13.68 13.97 -3.43
N ASP A 136 12.42 13.83 -3.00
CA ASP A 136 12.03 14.22 -1.65
C ASP A 136 11.23 13.17 -0.86
N GLN A 137 11.69 11.93 -0.88
CA GLN A 137 11.16 10.86 0.00
C GLN A 137 12.25 10.07 0.71
N GLY A 138 13.31 10.79 1.12
CA GLY A 138 14.52 10.21 1.75
C GLY A 138 14.29 8.94 2.55
N ARG A 139 14.87 7.82 2.12
CA ARG A 139 15.82 7.73 1.01
C ARG A 139 15.17 7.75 -0.38
N PRO A 140 15.60 8.69 -1.25
CA PRO A 140 15.06 8.85 -2.60
C PRO A 140 15.59 7.78 -3.55
N PHE A 141 14.96 7.62 -4.71
CA PHE A 141 15.38 6.58 -5.66
C PHE A 141 16.81 6.78 -6.16
N GLN A 142 17.56 5.68 -6.21
CA GLN A 142 18.92 5.66 -6.75
C GLN A 142 19.15 4.38 -7.56
N GLY A 143 19.79 4.53 -8.71
CA GLY A 143 19.97 3.43 -9.66
C GLY A 143 19.72 3.91 -11.06
N GLN A 144 19.28 3.02 -11.94
CA GLN A 144 19.00 3.38 -13.33
C GLN A 144 17.70 2.82 -13.89
N VAL A 145 16.95 3.68 -14.55
CA VAL A 145 15.68 3.35 -15.18
C VAL A 145 15.91 3.31 -16.70
N SER A 146 15.22 2.41 -17.38
CA SER A 146 15.38 2.24 -18.83
C SER A 146 14.05 1.99 -19.54
N GLY A 147 13.90 2.59 -20.72
CA GLY A 147 12.76 2.35 -21.60
C GLY A 147 11.39 2.37 -20.95
N LEU A 148 11.06 3.49 -20.31
CA LEU A 148 9.75 3.66 -19.69
C LEU A 148 8.70 3.90 -20.77
N TYR A 149 7.52 3.33 -20.56
CA TYR A 149 6.40 3.46 -21.51
C TYR A 149 5.08 3.64 -20.78
N TYR A 150 4.40 4.74 -21.07
CA TYR A 150 3.08 4.97 -20.48
C TYR A 150 2.08 5.54 -21.48
N ASN A 151 1.06 4.72 -21.78
CA ASN A 151 -0.03 5.09 -22.70
C ASN A 151 0.44 5.76 -24.00
N GLY A 152 1.47 5.18 -24.60
CA GLY A 152 2.03 5.70 -25.84
C GLY A 152 3.26 6.57 -25.65
N LEU A 153 3.41 7.11 -24.44
CA LEU A 153 4.51 8.02 -24.14
C LEU A 153 5.75 7.29 -23.67
N LYS A 154 6.83 7.41 -24.44
CA LYS A 154 8.14 6.92 -24.05
C LYS A 154 8.88 8.05 -23.36
N VAL A 155 8.53 8.29 -22.09
CA VAL A 155 8.96 9.48 -21.35
C VAL A 155 10.49 9.67 -21.28
N LEU A 156 11.23 8.55 -21.19
CA LEU A 156 12.70 8.63 -21.11
C LEU A 156 13.31 9.18 -22.40
N ALA A 157 12.83 8.67 -23.53
CA ALA A 157 13.26 9.18 -24.83
C ALA A 157 12.94 10.65 -24.98
N LEU A 158 11.73 11.04 -24.56
CA LEU A 158 11.26 12.42 -24.71
C LEU A 158 12.14 13.40 -23.94
N ALA A 159 12.75 12.91 -22.86
CA ALA A 159 13.73 13.68 -22.13
C ALA A 159 14.97 13.87 -23.00
N ALA A 160 15.53 12.76 -23.50
CA ALA A 160 16.72 12.76 -24.35
C ALA A 160 16.64 13.72 -25.54
N GLU A 161 15.44 13.92 -26.07
CA GLU A 161 15.22 14.85 -27.18
C GLU A 161 14.65 16.20 -26.72
N SER A 162 14.82 16.50 -25.43
CA SER A 162 14.46 17.79 -24.81
C SER A 162 13.05 18.27 -25.19
N ASP A 163 12.05 17.46 -24.85
CA ASP A 163 10.65 17.79 -25.04
C ASP A 163 10.24 18.76 -23.94
N PRO A 164 9.72 19.95 -24.32
CA PRO A 164 9.30 20.98 -23.33
C PRO A 164 8.34 20.48 -22.23
N ASN A 165 7.56 19.45 -22.51
CA ASN A 165 6.65 18.84 -21.52
C ASN A 165 7.41 18.11 -20.42
N VAL A 166 8.62 17.69 -20.74
CA VAL A 166 9.48 16.98 -19.79
C VAL A 166 10.37 17.99 -19.04
N ARG A 167 10.13 18.10 -17.74
CA ARG A 167 10.95 18.89 -16.85
C ARG A 167 11.96 17.98 -16.17
N THR A 168 13.19 18.46 -16.03
CA THR A 168 14.25 17.67 -15.42
C THR A 168 14.79 18.29 -14.14
N GLU A 169 14.90 17.46 -13.10
CA GLU A 169 15.39 17.86 -11.77
C GLU A 169 16.28 16.75 -11.21
N GLY A 170 17.32 17.12 -10.48
CA GLY A 170 18.12 16.14 -9.74
C GLY A 170 19.52 15.85 -10.27
N HIS A 171 19.93 14.58 -10.19
CA HIS A 171 21.27 14.15 -10.57
C HIS A 171 21.17 13.07 -11.65
N LEU A 172 21.11 13.52 -12.90
CA LEU A 172 20.85 12.63 -14.04
C LEU A 172 22.03 12.47 -15.01
N ARG A 173 22.01 11.36 -15.73
CA ARG A 173 23.02 11.06 -16.74
C ARG A 173 22.46 10.10 -17.80
N LEU A 174 22.53 10.53 -19.06
CA LEU A 174 22.05 9.72 -20.17
C LEU A 174 23.15 8.77 -20.60
N VAL A 175 22.87 7.47 -20.49
CA VAL A 175 23.84 6.44 -20.83
C VAL A 175 23.23 5.43 -21.79
N THR B 2 7.73 29.78 15.91
CA THR B 2 8.52 29.23 14.77
C THR B 2 7.72 29.22 13.46
N THR B 3 8.18 30.04 12.51
CA THR B 3 7.62 30.09 11.17
C THR B 3 8.75 29.89 10.16
N TYR B 4 8.47 29.12 9.11
CA TYR B 4 9.45 28.82 8.06
C TYR B 4 8.99 29.37 6.71
N ILE B 5 9.93 29.86 5.92
CA ILE B 5 9.63 30.37 4.58
C ILE B 5 10.03 29.35 3.51
N PHE B 6 9.02 28.94 2.73
CA PHE B 6 9.20 28.05 1.58
C PHE B 6 9.34 28.88 0.29
N GLY B 7 10.54 28.87 -0.28
CA GLY B 7 10.86 29.75 -1.41
C GLY B 7 10.73 29.11 -2.77
N LYS B 8 11.17 29.86 -3.79
CA LYS B 8 11.14 29.38 -5.17
C LYS B 8 12.04 28.17 -5.34
N GLY B 9 11.53 27.18 -6.07
CA GLY B 9 12.19 25.89 -6.20
C GLY B 9 11.59 24.88 -5.24
N GLY B 10 10.89 25.38 -4.23
CA GLY B 10 10.24 24.54 -3.22
C GLY B 10 11.19 24.06 -2.14
N ALA B 11 10.68 24.03 -0.91
CA ALA B 11 11.42 23.47 0.22
C ALA B 11 10.63 22.27 0.75
N LEU B 12 11.16 21.62 1.79
CA LEU B 12 10.56 20.39 2.33
C LEU B 12 11.06 20.08 3.74
N ILE B 13 10.12 19.85 4.65
CA ILE B 13 10.43 19.44 6.03
C ILE B 13 9.80 18.08 6.32
N THR B 14 10.62 17.14 6.78
CA THR B 14 10.18 15.77 7.02
C THR B 14 10.52 15.30 8.42
N TYR B 15 9.50 14.94 9.19
CA TYR B 15 9.73 14.20 10.41
C TYR B 15 9.64 12.73 10.07
N THR B 16 10.66 11.98 10.45
CA THR B 16 10.66 10.56 10.25
C THR B 16 10.72 9.84 11.58
N TRP B 17 9.60 9.22 11.94
CA TRP B 17 9.51 8.38 13.13
C TRP B 17 10.56 7.29 13.06
N PRO B 18 11.38 7.14 14.13
CA PRO B 18 12.34 6.04 14.23
C PRO B 18 11.57 4.80 13.76
N PRO B 19 12.27 3.87 13.06
CA PRO B 19 11.75 2.69 12.38
C PRO B 19 10.69 1.91 13.18
N ASN B 20 10.85 1.85 14.50
CA ASN B 20 9.89 1.16 15.36
C ASN B 20 9.32 2.00 16.52
N ASP B 21 9.24 3.30 16.30
CA ASP B 21 8.44 4.21 17.12
C ASP B 21 7.25 4.71 16.29
N ARG B 22 6.94 3.97 15.21
CA ARG B 22 5.89 4.32 14.28
C ARG B 22 4.51 4.15 14.94
N PRO B 23 3.73 5.23 15.00
CA PRO B 23 2.46 5.15 15.72
C PRO B 23 1.27 4.81 14.84
N SER B 24 0.45 3.87 15.30
CA SER B 24 -0.90 3.70 14.78
C SER B 24 -1.84 4.34 15.80
N THR B 25 -2.74 5.20 15.33
CA THR B 25 -3.64 5.91 16.23
C THR B 25 -5.11 5.60 16.01
N ARG B 26 -5.87 5.69 17.09
CA ARG B 26 -7.32 5.57 17.05
C ARG B 26 -7.91 6.92 16.63
N MET B 27 -7.10 7.97 16.79
CA MET B 27 -7.48 9.34 16.42
C MET B 27 -6.29 10.24 16.09
N ASP B 28 -6.36 10.91 14.93
CA ASP B 28 -5.33 11.84 14.47
C ASP B 28 -5.77 13.29 14.56
N ARG B 29 -4.79 14.18 14.56
CA ARG B 29 -5.04 15.60 14.77
C ARG B 29 -3.99 16.46 14.06
N LEU B 30 -4.44 17.25 13.08
CA LEU B 30 -3.57 18.17 12.36
C LEU B 30 -4.04 19.61 12.50
N ALA B 31 -3.08 20.52 12.62
CA ALA B 31 -3.36 21.96 12.68
C ALA B 31 -2.18 22.73 12.12
N VAL B 32 -2.40 23.38 10.98
CA VAL B 32 -1.34 24.09 10.27
C VAL B 32 -1.69 25.57 10.13
N GLY B 33 -0.69 26.42 10.34
CA GLY B 33 -0.84 27.86 10.13
C GLY B 33 0.02 28.27 8.96
N PHE B 34 -0.61 28.87 7.95
CA PHE B 34 0.10 29.20 6.71
C PHE B 34 -0.46 30.42 5.99
N SER B 35 0.30 30.87 4.99
CA SER B 35 -0.14 31.90 4.06
C SER B 35 0.47 31.60 2.69
N THR B 36 -0.29 31.83 1.63
CA THR B 36 0.20 31.59 0.28
C THR B 36 -0.67 32.26 -0.78
N HIS B 37 -0.09 32.47 -1.95
CA HIS B 37 -0.77 33.02 -3.12
C HIS B 37 -1.19 31.91 -4.08
N GLN B 38 -0.66 30.72 -3.87
CA GLN B 38 -0.81 29.61 -4.82
C GLN B 38 -2.24 29.11 -4.95
N ARG B 39 -2.74 29.13 -6.19
CA ARG B 39 -4.08 28.64 -6.54
C ARG B 39 -4.29 27.22 -5.98
N SER B 40 -3.30 26.35 -6.20
CA SER B 40 -3.33 24.99 -5.66
C SER B 40 -1.93 24.53 -5.29
N ALA B 41 -1.84 23.75 -4.20
CA ALA B 41 -0.57 23.27 -3.67
C ALA B 41 -0.84 22.13 -2.70
N VAL B 42 0.23 21.46 -2.27
CA VAL B 42 0.16 20.44 -1.22
C VAL B 42 0.90 20.97 0.02
N LEU B 43 0.22 20.99 1.17
CA LEU B 43 0.85 21.49 2.38
C LEU B 43 1.42 20.39 3.28
N VAL B 44 0.59 19.43 3.68
CA VAL B 44 1.03 18.33 4.55
C VAL B 44 0.75 16.97 3.93
N ARG B 45 1.69 16.05 4.10
CA ARG B 45 1.52 14.67 3.66
C ARG B 45 2.07 13.69 4.70
N VAL B 46 1.19 13.07 5.47
CA VAL B 46 1.63 12.00 6.35
C VAL B 46 1.66 10.69 5.58
N ASP B 47 2.81 10.02 5.61
CA ASP B 47 3.02 8.79 4.87
C ASP B 47 2.97 7.58 5.80
N SER B 48 2.29 6.53 5.35
CA SER B 48 2.25 5.27 6.08
C SER B 48 3.44 4.41 5.69
N ALA B 49 3.60 3.28 6.36
CA ALA B 49 4.73 2.37 6.13
C ALA B 49 4.56 1.57 4.84
N SER B 50 5.46 0.61 4.61
CA SER B 50 5.45 -0.23 3.39
C SER B 50 5.22 0.59 2.08
N GLY B 51 4.30 0.22 1.18
CA GLY B 51 3.39 -0.92 1.29
C GLY B 51 1.93 -0.48 1.38
N LEU B 52 1.72 0.74 1.85
CA LEU B 52 0.38 1.21 2.17
C LEU B 52 -0.05 2.46 1.39
N GLY B 53 0.91 3.33 1.08
CA GLY B 53 0.64 4.55 0.33
C GLY B 53 0.42 5.78 1.20
N ASP B 54 -0.47 6.66 0.76
CA ASP B 54 -0.75 7.89 1.50
C ASP B 54 -1.79 7.71 2.61
N TYR B 55 -1.40 8.10 3.81
CA TYR B 55 -2.24 7.99 4.99
C TYR B 55 -3.07 9.26 5.16
N LEU B 56 -2.39 10.41 5.13
CA LEU B 56 -3.04 11.71 5.24
C LEU B 56 -2.47 12.72 4.24
N GLN B 57 -3.36 13.34 3.47
CA GLN B 57 -3.02 14.33 2.46
C GLN B 57 -3.74 15.64 2.74
N LEU B 58 -3.00 16.73 2.75
CA LEU B 58 -3.61 18.05 2.89
C LEU B 58 -3.18 18.97 1.75
N HIS B 59 -4.16 19.47 1.00
CA HIS B 59 -3.91 20.27 -0.18
C HIS B 59 -4.77 21.52 -0.25
N ILE B 60 -4.23 22.57 -0.87
CA ILE B 60 -5.05 23.67 -1.39
C ILE B 60 -5.35 23.30 -2.85
N ASP B 61 -6.62 23.32 -3.20
CA ASP B 61 -7.03 23.09 -4.58
C ASP B 61 -7.98 24.21 -4.99
N GLN B 62 -7.64 24.87 -6.10
CA GLN B 62 -8.39 26.02 -6.62
C GLN B 62 -8.93 26.94 -5.51
N GLY B 63 -8.02 27.41 -4.66
CA GLY B 63 -8.35 28.38 -3.61
C GLY B 63 -8.83 27.83 -2.29
N THR B 64 -9.34 26.59 -2.29
CA THR B 64 -9.92 26.00 -1.09
C THR B 64 -9.17 24.76 -0.61
N VAL B 65 -9.11 24.59 0.70
CA VAL B 65 -8.44 23.46 1.35
C VAL B 65 -9.28 22.19 1.32
N GLY B 66 -8.60 21.07 1.08
CA GLY B 66 -9.22 19.74 1.16
C GLY B 66 -8.26 18.77 1.81
N VAL B 67 -8.80 17.77 2.51
CA VAL B 67 -7.98 16.73 3.15
C VAL B 67 -8.40 15.32 2.71
N ILE B 68 -7.47 14.62 2.08
CA ILE B 68 -7.63 13.21 1.70
C ILE B 68 -7.04 12.38 2.82
N PHE B 69 -7.78 11.38 3.30
CA PHE B 69 -7.26 10.48 4.33
C PHE B 69 -7.75 9.06 4.15
N ASN B 70 -6.85 8.11 4.41
CA ASN B 70 -7.11 6.70 4.20
C ASN B 70 -7.73 6.05 5.44
N VAL B 71 -8.88 5.41 5.26
CA VAL B 71 -9.57 4.70 6.34
C VAL B 71 -9.61 3.20 6.08
N GLY B 72 -8.55 2.50 6.53
CA GLY B 72 -8.40 1.08 6.23
C GLY B 72 -7.95 0.89 4.79
N THR B 73 -8.88 0.45 3.95
CA THR B 73 -8.61 0.25 2.53
C THR B 73 -9.21 1.38 1.68
N ASP B 74 -10.43 1.80 2.03
CA ASP B 74 -11.10 2.88 1.33
C ASP B 74 -10.52 4.23 1.74
N ASP B 75 -10.78 5.25 0.92
CA ASP B 75 -10.31 6.61 1.19
C ASP B 75 -11.50 7.54 1.42
N ILE B 76 -11.26 8.64 2.12
CA ILE B 76 -12.28 9.69 2.30
C ILE B 76 -11.63 11.06 2.12
N THR B 77 -12.34 11.96 1.42
CA THR B 77 -11.89 13.33 1.24
C THR B 77 -12.85 14.32 1.90
N ILE B 78 -12.31 15.30 2.63
CA ILE B 78 -13.11 16.34 3.26
C ILE B 78 -12.57 17.73 2.91
N ASP B 79 -13.42 18.55 2.31
CA ASP B 79 -12.99 19.85 1.79
C ASP B 79 -13.83 21.00 2.32
N GLU B 80 -13.20 22.15 2.50
CA GLU B 80 -13.88 23.38 2.88
C GLU B 80 -13.89 24.33 1.69
N PRO B 81 -14.99 24.34 0.92
CA PRO B 81 -15.09 25.07 -0.34
C PRO B 81 -15.47 26.56 -0.21
N ASN B 82 -15.71 27.02 1.02
CA ASN B 82 -16.17 28.39 1.25
C ASN B 82 -15.12 29.32 1.86
N ALA B 83 -13.91 28.80 2.04
CA ALA B 83 -12.82 29.56 2.62
C ALA B 83 -11.61 29.64 1.69
N ILE B 84 -11.53 30.74 0.94
CA ILE B 84 -10.44 31.00 0.02
C ILE B 84 -9.18 31.32 0.80
N VAL B 85 -8.24 30.38 0.79
CA VAL B 85 -7.01 30.48 1.60
C VAL B 85 -5.79 30.83 0.75
N SER B 86 -6.05 31.30 -0.46
CA SER B 86 -5.00 31.55 -1.43
C SER B 86 -4.83 33.05 -1.70
N ASP B 87 -4.85 33.84 -0.63
CA ASP B 87 -4.78 35.31 -0.75
C ASP B 87 -3.50 35.92 -0.18
N GLY B 88 -2.69 35.11 0.50
CA GLY B 88 -1.43 35.58 1.08
C GLY B 88 -1.53 35.98 2.54
N LYS B 89 -2.76 36.07 3.04
CA LYS B 89 -3.02 36.39 4.44
C LYS B 89 -3.03 35.11 5.28
N TYR B 90 -2.82 35.25 6.59
CA TYR B 90 -2.68 34.11 7.50
C TYR B 90 -3.96 33.25 7.58
N HIS B 91 -3.78 31.94 7.69
CA HIS B 91 -4.89 30.99 7.76
C HIS B 91 -4.66 29.83 8.75
N VAL B 92 -5.69 29.50 9.52
CA VAL B 92 -5.65 28.38 10.46
C VAL B 92 -6.51 27.23 9.93
N VAL B 93 -5.91 26.03 9.90
CA VAL B 93 -6.62 24.84 9.44
C VAL B 93 -6.50 23.73 10.51
N ARG B 94 -7.60 23.02 10.73
CA ARG B 94 -7.68 21.98 11.75
C ARG B 94 -8.35 20.71 11.25
N PHE B 95 -7.55 19.67 11.07
CA PHE B 95 -8.09 18.35 10.81
C PHE B 95 -8.11 17.56 12.11
N THR B 96 -9.22 16.85 12.32
CA THR B 96 -9.35 15.94 13.45
C THR B 96 -10.03 14.70 12.93
N ARG B 97 -9.35 13.57 13.10
CA ARG B 97 -9.88 12.27 12.72
C ARG B 97 -10.24 11.53 13.98
N SER B 98 -11.29 10.72 13.91
CA SER B 98 -11.74 9.88 15.01
C SER B 98 -12.46 8.70 14.38
N GLY B 99 -11.72 7.62 14.15
CA GLY B 99 -12.24 6.47 13.42
C GLY B 99 -12.58 6.86 11.99
N GLY B 100 -13.82 6.58 11.58
CA GLY B 100 -14.28 6.99 10.26
C GLY B 100 -14.58 8.48 10.20
N ASN B 101 -15.04 9.01 11.34
CA ASN B 101 -15.48 10.41 11.46
C ASN B 101 -14.32 11.40 11.47
N ALA B 102 -14.53 12.55 10.84
CA ALA B 102 -13.50 13.58 10.73
C ALA B 102 -14.09 14.98 10.73
N THR B 103 -13.34 15.92 11.32
CA THR B 103 -13.77 17.31 11.44
C THR B 103 -12.69 18.23 10.88
N LEU B 104 -13.00 18.84 9.74
CA LEU B 104 -12.11 19.81 9.12
C LEU B 104 -12.58 21.24 9.39
N GLN B 105 -11.73 22.04 10.00
CA GLN B 105 -12.05 23.45 10.20
C GLN B 105 -10.99 24.36 9.57
N VAL B 106 -11.40 25.10 8.54
CA VAL B 106 -10.52 26.06 7.89
C VAL B 106 -10.95 27.47 8.30
N ASP B 107 -10.08 28.15 9.04
CA ASP B 107 -10.40 29.43 9.69
C ASP B 107 -11.66 29.30 10.56
N SER B 108 -12.70 30.06 10.26
CA SER B 108 -13.91 30.05 11.08
C SER B 108 -15.02 29.13 10.57
N TRP B 109 -14.69 28.32 9.54
CA TRP B 109 -15.65 27.42 8.90
C TRP B 109 -15.39 25.95 9.27
N PRO B 110 -16.24 25.37 10.15
CA PRO B 110 -16.15 23.96 10.52
C PRO B 110 -17.01 23.03 9.65
N VAL B 111 -16.51 21.83 9.39
CA VAL B 111 -17.22 20.80 8.64
C VAL B 111 -17.06 19.44 9.33
N ASN B 112 -18.13 18.63 9.33
CA ASN B 112 -18.09 17.27 9.86
C ASN B 112 -18.43 16.24 8.79
N GLU B 113 -17.59 15.22 8.67
CA GLU B 113 -17.88 14.10 7.78
C GLU B 113 -18.04 12.82 8.60
N ARG B 114 -19.29 12.47 8.87
CA ARG B 114 -19.61 11.24 9.59
C ARG B 114 -19.43 10.04 8.68
N TYR B 115 -19.19 8.88 9.29
CA TYR B 115 -18.90 7.65 8.56
C TYR B 115 -20.14 6.77 8.48
N PRO B 116 -20.44 6.23 7.28
CA PRO B 116 -21.59 5.33 7.11
C PRO B 116 -21.48 4.08 7.98
N ILE B 123 -8.47 -1.73 13.07
CA ILE B 123 -7.65 -0.59 13.46
C ILE B 123 -6.83 -0.05 12.29
N PHE B 124 -6.46 1.23 12.38
CA PHE B 124 -5.69 1.91 11.35
C PHE B 124 -4.23 1.46 11.37
N ASN B 125 -3.49 1.80 10.30
CA ASN B 125 -2.08 1.41 10.14
C ASN B 125 -1.08 2.49 10.57
N SER B 126 0.19 2.08 10.69
CA SER B 126 1.26 2.93 11.19
C SER B 126 1.66 4.01 10.20
N GLN B 127 2.25 5.08 10.73
CA GLN B 127 2.67 6.23 9.93
C GLN B 127 4.19 6.33 9.95
N ALA B 128 4.78 6.56 8.78
CA ALA B 128 6.25 6.58 8.66
C ALA B 128 6.86 7.99 8.69
N ALA B 129 6.22 8.96 8.04
CA ALA B 129 6.77 10.31 7.91
C ALA B 129 5.73 11.41 7.68
N ILE B 130 5.98 12.59 8.23
CA ILE B 130 5.17 13.79 7.94
C ILE B 130 5.96 14.71 7.03
N LYS B 131 5.42 14.98 5.86
CA LYS B 131 6.07 15.85 4.88
C LYS B 131 5.36 17.19 4.86
N ILE B 132 6.13 18.27 4.97
CA ILE B 132 5.56 19.61 4.86
C ILE B 132 6.10 20.29 3.61
N GLY B 133 5.19 20.82 2.80
CA GLY B 133 5.54 21.41 1.52
C GLY B 133 5.89 20.33 0.52
N GLY B 134 7.07 20.45 -0.09
CA GLY B 134 7.53 19.46 -1.05
C GLY B 134 8.28 20.05 -2.22
N ARG B 135 8.75 19.17 -3.11
CA ARG B 135 9.62 19.56 -4.20
C ARG B 135 9.26 18.88 -5.51
N ASP B 136 8.57 17.75 -5.44
CA ASP B 136 8.21 16.98 -6.63
C ASP B 136 6.98 17.52 -7.39
N GLN B 137 6.02 18.06 -6.65
CA GLN B 137 4.69 18.31 -7.20
C GLN B 137 4.76 19.26 -8.39
N GLY B 138 5.27 20.46 -8.16
CA GLY B 138 6.01 21.18 -9.18
C GLY B 138 5.10 21.88 -10.17
N ARG B 139 4.14 22.64 -9.65
CA ARG B 139 4.45 23.74 -8.75
C ARG B 139 4.44 23.29 -7.30
N PRO B 140 5.62 23.00 -6.77
CA PRO B 140 5.77 22.72 -5.33
C PRO B 140 5.41 23.93 -4.47
N PHE B 141 5.17 23.70 -3.19
CA PHE B 141 4.70 24.76 -2.30
C PHE B 141 5.69 25.93 -2.17
N GLN B 142 5.12 27.14 -2.21
CA GLN B 142 5.88 28.38 -2.18
C GLN B 142 5.09 29.39 -1.36
N GLY B 143 5.56 29.64 -0.13
CA GLY B 143 4.89 30.55 0.78
C GLY B 143 5.45 30.49 2.20
N GLN B 144 4.57 30.65 3.17
CA GLN B 144 4.97 30.68 4.57
C GLN B 144 4.19 29.65 5.40
N VAL B 145 4.90 28.93 6.27
CA VAL B 145 4.27 27.94 7.15
C VAL B 145 4.69 28.19 8.59
N SER B 146 3.70 28.36 9.48
CA SER B 146 3.97 28.60 10.89
C SER B 146 3.44 27.45 11.74
N GLY B 147 3.90 27.40 12.99
CA GLY B 147 3.34 26.46 13.96
C GLY B 147 2.52 25.37 13.30
N LEU B 148 3.18 24.29 12.92
CA LEU B 148 2.49 23.04 12.61
C LEU B 148 2.34 22.17 13.85
N TYR B 149 1.22 21.46 13.93
CA TYR B 149 0.99 20.50 15.01
C TYR B 149 0.37 19.21 14.49
N TYR B 150 1.08 18.11 14.70
CA TYR B 150 0.57 16.79 14.32
C TYR B 150 0.77 15.77 15.43
N ASN B 151 -0.33 15.40 16.09
CA ASN B 151 -0.31 14.32 17.08
C ASN B 151 0.77 14.49 18.16
N GLY B 152 0.76 15.67 18.78
CA GLY B 152 1.72 15.99 19.84
C GLY B 152 3.11 16.38 19.34
N LEU B 153 3.25 16.54 18.02
CA LEU B 153 4.53 16.91 17.43
C LEU B 153 4.48 18.28 16.77
N LYS B 154 5.32 19.19 17.26
CA LYS B 154 5.48 20.50 16.63
C LYS B 154 6.68 20.45 15.69
N VAL B 155 6.43 20.00 14.46
CA VAL B 155 7.51 19.70 13.51
C VAL B 155 8.44 20.89 13.28
N LEU B 156 7.87 22.07 13.05
CA LEU B 156 8.68 23.25 12.74
C LEU B 156 9.60 23.65 13.90
N ALA B 157 9.06 23.63 15.11
CA ALA B 157 9.85 23.86 16.33
C ALA B 157 10.93 22.80 16.49
N LEU B 158 10.61 21.55 16.17
CA LEU B 158 11.59 20.45 16.19
C LEU B 158 12.63 20.60 15.10
N ALA B 159 12.22 21.20 13.97
CA ALA B 159 13.14 21.50 12.88
C ALA B 159 14.06 22.63 13.29
N ALA B 160 13.49 23.68 13.90
CA ALA B 160 14.23 24.86 14.32
C ALA B 160 15.23 24.54 15.42
N GLU B 161 14.98 23.45 16.13
CA GLU B 161 15.90 23.00 17.17
C GLU B 161 16.87 21.91 16.71
N SER B 162 16.74 21.51 15.44
CA SER B 162 17.66 20.56 14.80
C SER B 162 17.48 19.11 15.24
N ASP B 163 16.24 18.73 15.54
CA ASP B 163 15.89 17.34 15.87
C ASP B 163 16.47 16.43 14.80
N PRO B 164 17.34 15.48 15.21
CA PRO B 164 17.94 14.49 14.29
C PRO B 164 16.93 13.65 13.47
N ASN B 165 15.66 13.66 13.88
CA ASN B 165 14.61 12.98 13.12
C ASN B 165 14.08 13.85 11.98
N VAL B 166 14.31 15.15 12.08
CA VAL B 166 13.87 16.09 11.06
C VAL B 166 14.99 16.33 10.06
N ARG B 167 14.71 16.02 8.80
CA ARG B 167 15.64 16.28 7.70
C ARG B 167 14.99 17.22 6.70
N THR B 168 15.67 18.34 6.42
CA THR B 168 15.15 19.33 5.47
C THR B 168 16.01 19.46 4.21
N GLU B 169 15.42 20.04 3.16
CA GLU B 169 16.12 20.34 1.92
C GLU B 169 15.35 21.38 1.10
N GLY B 170 15.98 21.95 0.08
CA GLY B 170 15.33 22.89 -0.81
C GLY B 170 15.63 24.34 -0.48
N HIS B 171 14.72 25.24 -0.87
CA HIS B 171 14.86 26.66 -0.59
C HIS B 171 14.10 27.01 0.70
N LEU B 172 14.77 26.77 1.83
CA LEU B 172 14.13 26.89 3.14
C LEU B 172 14.90 27.84 4.03
N ARG B 173 14.20 28.89 4.48
CA ARG B 173 14.78 29.82 5.43
C ARG B 173 13.88 30.03 6.62
N LEU B 174 14.50 30.07 7.81
CA LEU B 174 13.80 30.25 9.07
C LEU B 174 13.96 31.69 9.58
N VAL B 175 12.82 32.36 9.77
CA VAL B 175 12.79 33.72 10.31
C VAL B 175 13.02 33.68 11.81
N ALA C 1 -22.83 -24.61 8.82
CA ALA C 1 -23.44 -25.57 9.79
C ALA C 1 -22.56 -25.77 11.03
N THR C 2 -21.30 -26.16 10.82
CA THR C 2 -20.36 -26.37 11.92
C THR C 2 -19.45 -25.16 12.12
N THR C 3 -19.56 -24.52 13.28
CA THR C 3 -18.82 -23.30 13.58
C THR C 3 -18.05 -23.46 14.88
N TYR C 4 -16.80 -23.00 14.89
CA TYR C 4 -15.99 -23.00 16.11
C TYR C 4 -15.55 -21.62 16.54
N ILE C 5 -15.69 -21.34 17.83
CA ILE C 5 -15.17 -20.10 18.39
C ILE C 5 -13.85 -20.39 19.09
N PHE C 6 -12.77 -19.87 18.51
CA PHE C 6 -11.44 -20.01 19.08
C PHE C 6 -11.26 -18.96 20.17
N GLY C 7 -11.27 -19.41 21.41
CA GLY C 7 -11.22 -18.50 22.56
C GLY C 7 -9.84 -17.95 22.86
N LYS C 8 -9.75 -17.16 23.92
CA LYS C 8 -8.49 -16.56 24.35
C LYS C 8 -7.57 -17.55 25.07
N GLY C 9 -6.51 -17.95 24.39
CA GLY C 9 -5.47 -18.83 24.94
C GLY C 9 -5.43 -20.28 25.39
N GLY C 10 -5.47 -21.22 24.45
CA GLY C 10 -5.55 -20.93 23.01
C GLY C 10 -5.94 -22.12 22.18
N ALA C 11 -6.77 -21.89 21.17
CA ALA C 11 -7.47 -22.98 20.50
C ALA C 11 -6.81 -23.45 19.20
N LEU C 12 -6.89 -24.75 18.96
CA LEU C 12 -6.28 -25.41 17.80
C LEU C 12 -6.97 -26.74 17.50
N ILE C 13 -7.28 -26.97 16.22
CA ILE C 13 -7.85 -28.25 15.76
C ILE C 13 -6.92 -28.86 14.71
N THR C 14 -6.66 -30.16 14.83
CA THR C 14 -5.78 -30.86 13.88
C THR C 14 -6.44 -32.06 13.22
N TYR C 15 -6.46 -32.09 11.90
CA TYR C 15 -6.78 -33.31 11.18
C TYR C 15 -5.48 -33.98 10.74
N THR C 16 -5.04 -34.97 11.52
CA THR C 16 -3.85 -35.72 11.16
C THR C 16 -4.25 -36.96 10.38
N TRP C 17 -3.93 -36.96 9.09
CA TRP C 17 -4.14 -38.13 8.22
C TRP C 17 -3.40 -39.34 8.76
N PRO C 18 -3.96 -40.54 8.58
CA PRO C 18 -3.19 -41.76 8.81
C PRO C 18 -2.01 -41.80 7.82
N PRO C 19 -0.94 -42.51 8.17
CA PRO C 19 0.26 -42.46 7.33
C PRO C 19 0.09 -43.18 5.99
N ASN C 20 -0.84 -44.14 5.93
CA ASN C 20 -1.14 -44.88 4.70
C ASN C 20 -2.12 -44.15 3.77
N ASP C 21 -2.82 -43.15 4.32
CA ASP C 21 -3.88 -42.43 3.60
C ASP C 21 -3.52 -40.99 3.21
N ARG C 22 -2.22 -40.67 3.25
CA ARG C 22 -1.75 -39.32 2.92
C ARG C 22 -1.86 -39.00 1.42
N PRO C 23 -2.26 -37.76 1.08
CA PRO C 23 -2.59 -37.37 -0.28
C PRO C 23 -1.39 -36.99 -1.16
N SER C 24 -1.27 -37.66 -2.31
CA SER C 24 -0.31 -37.28 -3.35
C SER C 24 -1.02 -36.33 -4.31
N THR C 25 -1.10 -35.06 -3.92
CA THR C 25 -1.86 -34.07 -4.68
C THR C 25 -0.97 -33.20 -5.57
N ARG C 26 -1.47 -32.91 -6.76
CA ARG C 26 -0.88 -31.90 -7.65
C ARG C 26 -1.74 -30.64 -7.61
N MET C 27 -2.96 -30.80 -7.11
CA MET C 27 -3.89 -29.67 -6.97
C MET C 27 -4.49 -29.61 -5.56
N ASP C 28 -4.45 -28.41 -4.96
CA ASP C 28 -5.00 -28.18 -3.64
C ASP C 28 -6.09 -27.13 -3.71
N ARG C 29 -7.29 -27.47 -3.25
CA ARG C 29 -8.36 -26.48 -3.10
C ARG C 29 -8.82 -26.34 -1.66
N LEU C 30 -8.56 -25.16 -1.11
CA LEU C 30 -8.96 -24.80 0.24
C LEU C 30 -10.11 -23.82 0.19
N ALA C 31 -11.00 -23.90 1.18
CA ALA C 31 -12.08 -22.93 1.37
C ALA C 31 -12.39 -22.85 2.86
N VAL C 32 -12.33 -21.63 3.39
CA VAL C 32 -12.51 -21.39 4.83
C VAL C 32 -13.38 -20.16 5.02
N GLY C 33 -14.23 -20.20 6.04
CA GLY C 33 -15.05 -19.05 6.40
C GLY C 33 -14.75 -18.68 7.83
N PHE C 34 -14.51 -17.39 8.07
CA PHE C 34 -14.05 -16.95 9.39
C PHE C 34 -14.48 -15.54 9.77
N SER C 35 -14.14 -15.17 10.99
CA SER C 35 -14.38 -13.83 11.52
C SER C 35 -13.34 -13.58 12.59
N THR C 36 -12.76 -12.38 12.60
CA THR C 36 -11.74 -12.04 13.58
C THR C 36 -11.49 -10.54 13.68
N HIS C 37 -10.99 -10.11 14.84
CA HIS C 37 -10.56 -8.74 15.05
C HIS C 37 -9.06 -8.61 14.79
N GLN C 38 -8.35 -9.73 14.92
CA GLN C 38 -6.88 -9.75 14.92
C GLN C 38 -6.21 -9.27 13.62
N ARG C 39 -5.26 -8.35 13.76
CA ARG C 39 -4.50 -7.81 12.62
C ARG C 39 -3.56 -8.86 12.01
N SER C 40 -2.99 -9.70 12.86
CA SER C 40 -2.08 -10.75 12.42
C SER C 40 -2.45 -12.09 13.05
N ALA C 41 -2.63 -13.11 12.22
CA ALA C 41 -3.02 -14.44 12.70
C ALA C 41 -2.76 -15.54 11.66
N VAL C 42 -2.53 -16.76 12.16
CA VAL C 42 -2.50 -17.95 11.31
C VAL C 42 -3.86 -18.62 11.37
N LEU C 43 -4.40 -18.96 10.20
CA LEU C 43 -5.74 -19.54 10.10
C LEU C 43 -5.70 -21.03 9.78
N VAL C 44 -5.03 -21.37 8.67
CA VAL C 44 -4.94 -22.75 8.20
C VAL C 44 -3.50 -23.08 7.81
N ARG C 45 -3.04 -24.25 8.24
CA ARG C 45 -1.71 -24.75 7.90
C ARG C 45 -1.79 -26.20 7.46
N VAL C 46 -1.06 -26.53 6.39
CA VAL C 46 -0.93 -27.91 5.94
C VAL C 46 0.55 -28.28 6.05
N ASP C 47 0.82 -29.47 6.59
CA ASP C 47 2.19 -29.89 6.90
C ASP C 47 2.71 -31.01 6.01
N SER C 48 4.01 -31.31 6.14
CA SER C 48 4.65 -32.37 5.38
C SER C 48 5.05 -33.51 6.31
N ALA C 49 5.21 -34.70 5.73
CA ALA C 49 5.59 -35.89 6.50
C ALA C 49 7.05 -35.98 6.94
N SER C 50 7.97 -35.89 5.98
CA SER C 50 9.40 -35.73 6.27
C SER C 50 9.58 -34.25 5.94
N GLY C 51 10.48 -33.58 6.66
CA GLY C 51 10.63 -32.13 6.56
C GLY C 51 9.33 -31.41 6.86
N LEU C 52 9.02 -30.34 6.12
CA LEU C 52 9.91 -29.73 5.13
C LEU C 52 10.03 -28.24 5.47
N GLY C 53 8.88 -27.64 5.76
CA GLY C 53 8.76 -26.24 6.15
C GLY C 53 7.29 -25.97 6.42
N ASP C 54 6.72 -25.02 5.68
CA ASP C 54 5.30 -24.73 5.75
C ASP C 54 4.68 -25.00 4.38
N TYR C 55 4.14 -26.20 4.21
CA TYR C 55 3.62 -26.67 2.92
C TYR C 55 2.49 -25.78 2.35
N LEU C 56 1.60 -25.33 3.23
CA LEU C 56 0.55 -24.37 2.87
C LEU C 56 0.12 -23.63 4.12
N GLN C 57 0.15 -22.29 4.05
CA GLN C 57 -0.30 -21.46 5.16
C GLN C 57 -1.30 -20.39 4.70
N LEU C 58 -2.37 -20.24 5.45
CA LEU C 58 -3.34 -19.18 5.21
C LEU C 58 -3.28 -18.23 6.40
N HIS C 59 -2.68 -17.06 6.20
CA HIS C 59 -2.45 -16.12 7.29
C HIS C 59 -3.13 -14.77 7.06
N ILE C 60 -3.46 -14.11 8.16
CA ILE C 60 -3.92 -12.73 8.12
C ILE C 60 -2.74 -11.84 8.48
N ASP C 61 -2.37 -10.95 7.56
CA ASP C 61 -1.25 -10.06 7.74
C ASP C 61 -1.69 -8.62 7.50
N GLN C 62 -1.60 -7.79 8.53
CA GLN C 62 -2.05 -6.39 8.47
C GLN C 62 -3.47 -6.26 7.91
N GLY C 63 -4.35 -7.19 8.28
CA GLY C 63 -5.72 -7.20 7.79
C GLY C 63 -5.92 -8.04 6.54
N THR C 64 -5.04 -7.86 5.57
CA THR C 64 -5.10 -8.58 4.30
C THR C 64 -4.88 -10.08 4.50
N VAL C 65 -5.57 -10.89 3.72
CA VAL C 65 -5.33 -12.33 3.71
C VAL C 65 -4.15 -12.64 2.79
N GLY C 66 -3.37 -13.66 3.13
CA GLY C 66 -2.17 -14.01 2.37
C GLY C 66 -1.83 -15.48 2.53
N VAL C 67 -1.46 -16.11 1.41
CA VAL C 67 -1.16 -17.54 1.39
C VAL C 67 0.25 -17.78 0.89
N ILE C 68 1.04 -18.50 1.68
CA ILE C 68 2.32 -19.04 1.23
C ILE C 68 2.13 -20.53 1.03
N PHE C 69 2.65 -21.05 -0.07
CA PHE C 69 2.56 -22.48 -0.35
C PHE C 69 3.85 -23.00 -1.00
N ASN C 70 4.34 -24.12 -0.50
CA ASN C 70 5.59 -24.70 -0.97
C ASN C 70 5.39 -25.52 -2.24
N VAL C 71 6.22 -25.22 -3.25
CA VAL C 71 6.40 -26.10 -4.42
C VAL C 71 7.89 -26.20 -4.73
N GLY C 72 8.43 -27.42 -4.59
CA GLY C 72 9.87 -27.61 -4.62
C GLY C 72 10.47 -27.08 -3.32
N THR C 73 11.62 -26.43 -3.42
CA THR C 73 12.30 -25.88 -2.25
C THR C 73 12.09 -24.38 -2.09
N ASP C 74 11.40 -23.79 -3.06
CA ASP C 74 11.05 -22.37 -3.02
C ASP C 74 9.60 -22.20 -2.54
N ASP C 75 9.29 -21.07 -1.92
CA ASP C 75 7.93 -20.80 -1.43
C ASP C 75 7.27 -19.59 -2.10
N ILE C 76 6.10 -19.85 -2.68
CA ILE C 76 5.35 -18.84 -3.42
C ILE C 76 4.27 -18.24 -2.52
N THR C 77 4.11 -16.92 -2.61
CA THR C 77 3.12 -16.20 -1.80
C THR C 77 2.17 -15.33 -2.63
N ILE C 78 0.88 -15.69 -2.61
CA ILE C 78 -0.16 -14.84 -3.21
C ILE C 78 -0.61 -13.82 -2.17
N ASP C 79 -1.16 -12.71 -2.64
CA ASP C 79 -1.58 -11.63 -1.76
C ASP C 79 -2.95 -11.07 -2.16
N GLU C 80 -3.73 -10.66 -1.17
CA GLU C 80 -5.01 -9.98 -1.41
C GLU C 80 -5.19 -8.76 -0.50
N PRO C 81 -4.55 -7.62 -0.85
CA PRO C 81 -4.48 -6.45 0.02
C PRO C 81 -5.68 -5.49 -0.06
N ASN C 82 -6.65 -5.81 -0.90
CA ASN C 82 -7.81 -4.92 -1.11
C ASN C 82 -9.01 -5.29 -0.24
N ALA C 83 -8.94 -6.45 0.40
CA ALA C 83 -10.04 -6.96 1.22
C ALA C 83 -9.68 -6.93 2.70
N ILE C 84 -10.11 -5.86 3.37
CA ILE C 84 -9.95 -5.70 4.82
C ILE C 84 -10.81 -6.73 5.54
N VAL C 85 -10.16 -7.55 6.36
CA VAL C 85 -10.73 -8.78 6.90
C VAL C 85 -10.87 -8.78 8.42
N SER C 86 -10.01 -8.02 9.10
CA SER C 86 -9.99 -7.95 10.57
C SER C 86 -11.06 -7.04 11.18
N ASP C 87 -12.16 -6.84 10.45
CA ASP C 87 -13.25 -5.96 10.87
C ASP C 87 -14.23 -6.64 11.84
N GLY C 88 -14.01 -7.91 12.13
CA GLY C 88 -14.89 -8.66 13.02
C GLY C 88 -16.09 -9.25 12.31
N LYS C 89 -16.24 -8.91 11.04
CA LYS C 89 -17.29 -9.46 10.21
C LYS C 89 -16.86 -10.81 9.63
N TYR C 90 -17.81 -11.50 9.00
CA TYR C 90 -17.58 -12.81 8.41
C TYR C 90 -17.00 -12.66 7.00
N HIS C 91 -15.97 -13.45 6.70
CA HIS C 91 -15.33 -13.44 5.38
C HIS C 91 -15.13 -14.85 4.87
N VAL C 92 -15.14 -15.00 3.54
CA VAL C 92 -14.93 -16.30 2.91
C VAL C 92 -13.72 -16.23 1.98
N VAL C 93 -12.68 -16.98 2.33
CA VAL C 93 -11.52 -17.12 1.46
C VAL C 93 -11.57 -18.47 0.75
N ARG C 94 -11.15 -18.47 -0.51
CA ARG C 94 -11.15 -19.67 -1.32
C ARG C 94 -9.86 -19.69 -2.12
N PHE C 95 -9.03 -20.69 -1.86
CA PHE C 95 -7.74 -20.82 -2.51
C PHE C 95 -7.71 -22.08 -3.37
N THR C 96 -7.11 -21.97 -4.55
CA THR C 96 -6.82 -23.14 -5.38
C THR C 96 -5.36 -23.11 -5.83
N ARG C 97 -4.89 -24.24 -6.35
CA ARG C 97 -3.50 -24.42 -6.74
C ARG C 97 -3.45 -25.43 -7.89
N SER C 98 -2.77 -25.08 -8.98
CA SER C 98 -2.73 -25.92 -10.17
C SER C 98 -1.34 -26.52 -10.41
N GLY C 99 -0.61 -26.75 -9.33
CA GLY C 99 0.76 -27.29 -9.40
C GLY C 99 1.82 -26.20 -9.37
N GLY C 100 1.41 -24.98 -9.03
CA GLY C 100 2.29 -23.81 -9.06
C GLY C 100 1.57 -22.56 -9.53
N ASN C 101 0.45 -22.75 -10.25
CA ASN C 101 -0.42 -21.67 -10.68
C ASN C 101 -1.59 -21.51 -9.71
N ALA C 102 -1.53 -20.47 -8.89
CA ALA C 102 -2.46 -20.30 -7.78
C ALA C 102 -3.55 -19.27 -8.05
N THR C 103 -4.68 -19.49 -7.39
CA THR C 103 -5.83 -18.58 -7.44
C THR C 103 -6.31 -18.33 -6.00
N LEU C 104 -6.25 -17.07 -5.57
CA LEU C 104 -6.75 -16.68 -4.27
C LEU C 104 -7.96 -15.75 -4.41
N GLN C 105 -9.07 -16.12 -3.78
CA GLN C 105 -10.22 -15.23 -3.71
C GLN C 105 -10.70 -15.01 -2.28
N VAL C 106 -10.75 -13.75 -1.88
CA VAL C 106 -11.31 -13.35 -0.59
C VAL C 106 -12.56 -12.53 -0.85
N ASP C 107 -13.70 -13.02 -0.35
CA ASP C 107 -15.02 -12.42 -0.62
C ASP C 107 -15.19 -12.21 -2.13
N SER C 108 -15.36 -10.97 -2.56
CA SER C 108 -15.43 -10.68 -4.00
C SER C 108 -14.19 -9.94 -4.51
N TRP C 109 -13.02 -10.48 -4.19
CA TRP C 109 -11.75 -9.99 -4.75
C TRP C 109 -10.90 -11.17 -5.24
N PRO C 110 -11.13 -11.62 -6.48
CA PRO C 110 -10.29 -12.70 -7.03
C PRO C 110 -8.88 -12.23 -7.40
N VAL C 111 -7.88 -13.06 -7.11
CA VAL C 111 -6.51 -12.82 -7.52
C VAL C 111 -5.91 -14.15 -7.98
N ASN C 112 -5.12 -14.12 -9.06
CA ASN C 112 -4.39 -15.29 -9.50
C ASN C 112 -2.98 -14.98 -9.97
N GLU C 113 -2.04 -15.82 -9.57
CA GLU C 113 -0.62 -15.64 -9.91
C GLU C 113 -0.11 -16.82 -10.70
N ARG C 114 0.20 -16.57 -11.96
CA ARG C 114 0.66 -17.63 -12.86
C ARG C 114 2.13 -17.94 -12.63
N TYR C 115 2.40 -19.23 -12.43
CA TYR C 115 3.75 -19.76 -12.31
C TYR C 115 4.53 -19.44 -13.59
N PRO C 116 5.69 -18.78 -13.45
CA PRO C 116 6.55 -18.50 -14.61
C PRO C 116 6.99 -19.78 -15.31
N ALA C 117 7.00 -19.77 -16.64
CA ALA C 117 7.44 -20.90 -17.45
C ALA C 117 8.92 -21.20 -17.24
N GLY C 118 9.20 -22.19 -16.40
CA GLY C 118 10.58 -22.59 -16.07
C GLY C 118 10.63 -23.89 -15.29
N ASN C 125 1.99 -33.04 -2.67
CA ASN C 125 2.96 -34.13 -2.70
C ASN C 125 2.89 -35.04 -1.48
N SER C 126 3.07 -34.46 -0.29
CA SER C 126 3.04 -35.23 0.96
C SER C 126 2.40 -34.43 2.11
N GLN C 127 1.08 -34.29 2.06
CA GLN C 127 0.32 -33.62 3.10
C GLN C 127 0.20 -34.53 4.33
N ALA C 128 0.65 -34.05 5.48
CA ALA C 128 0.69 -34.86 6.71
C ALA C 128 -0.46 -34.55 7.66
N ALA C 129 -0.74 -33.28 7.87
CA ALA C 129 -1.82 -32.85 8.77
C ALA C 129 -2.31 -31.44 8.46
N ILE C 130 -3.56 -31.17 8.82
CA ILE C 130 -4.12 -29.82 8.73
C ILE C 130 -4.26 -29.23 10.13
N LYS C 131 -3.71 -28.04 10.32
CA LYS C 131 -3.87 -27.30 11.56
C LYS C 131 -4.79 -26.12 11.31
N ILE C 132 -5.77 -25.96 12.20
CA ILE C 132 -6.67 -24.83 12.14
C ILE C 132 -6.47 -23.99 13.39
N GLY C 133 -6.19 -22.70 13.20
CA GLY C 133 -5.81 -21.83 14.31
C GLY C 133 -4.38 -22.09 14.74
N GLY C 134 -4.04 -21.75 15.97
CA GLY C 134 -2.71 -21.99 16.49
C GLY C 134 -2.01 -20.78 17.09
N ARG C 135 -0.85 -20.43 16.52
CA ARG C 135 -0.01 -19.34 17.04
C ARG C 135 0.55 -18.51 15.88
N ASP C 136 0.60 -17.20 16.07
CA ASP C 136 1.26 -16.29 15.12
C ASP C 136 2.19 -15.34 15.88
N GLN C 137 3.50 -15.59 15.76
CA GLN C 137 4.54 -14.92 16.57
C GLN C 137 4.47 -15.38 18.02
N GLY C 138 3.48 -16.21 18.33
CA GLY C 138 3.23 -16.67 19.70
C GLY C 138 1.81 -16.40 20.17
N ARG C 139 1.15 -15.46 19.51
CA ARG C 139 -0.23 -15.10 19.82
C ARG C 139 -1.25 -16.02 19.14
N PRO C 140 -2.03 -16.78 19.94
CA PRO C 140 -3.08 -17.66 19.44
C PRO C 140 -4.15 -16.95 18.61
N PHE C 141 -4.82 -17.69 17.73
CA PHE C 141 -5.94 -17.16 16.96
C PHE C 141 -7.16 -17.03 17.84
N GLN C 142 -7.72 -15.82 17.88
CA GLN C 142 -8.94 -15.55 18.64
C GLN C 142 -10.01 -15.00 17.69
N GLY C 143 -11.03 -15.82 17.47
CA GLY C 143 -12.09 -15.52 16.51
C GLY C 143 -12.91 -16.76 16.26
N GLN C 144 -13.58 -16.80 15.11
CA GLN C 144 -14.38 -17.97 14.74
C GLN C 144 -14.12 -18.45 13.31
N VAL C 145 -14.37 -19.74 13.10
CA VAL C 145 -14.18 -20.41 11.80
C VAL C 145 -15.35 -21.37 11.58
N SER C 146 -15.91 -21.40 10.37
CA SER C 146 -17.13 -22.19 10.12
C SER C 146 -17.20 -23.02 8.82
N GLY C 147 -16.47 -22.61 7.78
CA GLY C 147 -16.65 -23.26 6.49
C GLY C 147 -15.43 -23.94 5.89
N LEU C 148 -14.77 -24.80 6.66
CA LEU C 148 -13.51 -25.39 6.21
C LEU C 148 -13.68 -26.60 5.31
N TYR C 149 -13.08 -26.53 4.12
CA TYR C 149 -13.09 -27.60 3.14
C TYR C 149 -11.74 -27.70 2.45
N TYR C 150 -10.94 -28.69 2.85
CA TYR C 150 -9.64 -28.89 2.22
C TYR C 150 -9.66 -30.14 1.34
N ASN C 151 -9.77 -29.92 0.02
CA ASN C 151 -9.93 -31.00 -0.96
C ASN C 151 -11.22 -31.81 -0.73
N GLY C 152 -12.32 -31.09 -0.48
CA GLY C 152 -13.62 -31.73 -0.24
C GLY C 152 -13.79 -32.34 1.13
N LEU C 153 -12.77 -32.20 1.97
CA LEU C 153 -12.77 -32.76 3.31
C LEU C 153 -13.45 -31.77 4.26
N LYS C 154 -14.56 -32.20 4.87
CA LYS C 154 -15.37 -31.35 5.74
C LYS C 154 -14.83 -31.36 7.17
N VAL C 155 -13.67 -30.74 7.36
CA VAL C 155 -12.88 -30.88 8.59
C VAL C 155 -13.64 -30.51 9.86
N LEU C 156 -14.32 -29.38 9.85
CA LEU C 156 -15.03 -28.93 11.05
C LEU C 156 -16.14 -29.88 11.46
N ALA C 157 -16.89 -30.39 10.49
CA ALA C 157 -17.90 -31.43 10.72
C ALA C 157 -17.28 -32.64 11.39
N LEU C 158 -16.19 -33.15 10.79
CA LEU C 158 -15.42 -34.25 11.35
C LEU C 158 -15.00 -33.98 12.79
N ALA C 159 -14.52 -32.77 13.03
CA ALA C 159 -14.15 -32.30 14.38
C ALA C 159 -15.34 -32.38 15.34
N ALA C 160 -16.50 -31.92 14.87
CA ALA C 160 -17.73 -32.02 15.65
C ALA C 160 -18.18 -33.47 15.82
N GLU C 161 -17.83 -34.31 14.85
CA GLU C 161 -18.24 -35.72 14.82
C GLU C 161 -17.38 -36.60 15.73
N SER C 162 -16.33 -36.02 16.30
CA SER C 162 -15.37 -36.71 17.17
C SER C 162 -14.56 -37.77 16.41
N ASP C 163 -14.46 -37.56 15.09
CA ASP C 163 -13.59 -38.33 14.19
C ASP C 163 -12.21 -38.45 14.82
N PRO C 164 -11.73 -39.70 15.01
CA PRO C 164 -10.46 -39.96 15.70
C PRO C 164 -9.28 -39.16 15.11
N ASN C 165 -9.18 -39.14 13.78
CA ASN C 165 -8.12 -38.39 13.08
C ASN C 165 -8.13 -36.89 13.36
N VAL C 166 -9.09 -36.43 14.14
CA VAL C 166 -9.20 -35.04 14.54
C VAL C 166 -8.77 -34.88 15.99
N ARG C 167 -7.71 -34.10 16.21
CA ARG C 167 -7.34 -33.66 17.55
C ARG C 167 -7.99 -32.31 17.83
N THR C 168 -8.28 -32.06 19.10
CA THR C 168 -8.91 -30.80 19.53
C THR C 168 -8.19 -30.34 20.79
N GLU C 169 -7.95 -29.03 20.89
CA GLU C 169 -7.13 -28.49 21.97
C GLU C 169 -7.41 -27.01 22.19
N GLY C 170 -7.51 -26.61 23.46
CA GLY C 170 -7.64 -25.21 23.85
C GLY C 170 -9.04 -24.77 24.21
N HIS C 171 -9.32 -23.49 23.96
CA HIS C 171 -10.63 -22.89 24.24
C HIS C 171 -11.53 -22.90 23.00
N LEU C 172 -12.22 -24.01 22.78
CA LEU C 172 -13.06 -24.18 21.60
C LEU C 172 -14.51 -24.45 21.96
N ARG C 173 -15.42 -23.61 21.47
CA ARG C 173 -16.84 -23.85 21.62
C ARG C 173 -17.50 -24.15 20.27
N LEU C 174 -18.24 -25.25 20.23
CA LEU C 174 -18.95 -25.67 19.03
C LEU C 174 -20.27 -24.90 18.87
N VAL C 175 -20.34 -24.08 17.82
CA VAL C 175 -21.57 -23.34 17.49
C VAL C 175 -22.03 -23.79 16.08
#